data_1EA6
#
_entry.id   1EA6
#
_cell.length_a   75.043
_cell.length_b   74.983
_cell.length_c   135.294
_cell.angle_alpha   90.00
_cell.angle_beta   90.00
_cell.angle_gamma   90.00
#
_symmetry.space_group_name_H-M   'P 21 21 21'
#
loop_
_entity.id
_entity.type
_entity.pdbx_description
1 polymer 'PMS1 PROTEIN HOMOLOG 2'
2 non-polymer 'MAGNESIUM ION'
3 non-polymer "ADENOSINE-5'-DIPHOSPHATE"
4 water water
#
_entity_poly.entity_id   1
_entity_poly.type   'polypeptide(L)'
_entity_poly.pdbx_seq_one_letter_code
;MERAESSSTEPAKAIKPIDRKSVHQICSGQVVLSLSTAVKELVENSLDAGATNIDLKLKDYGVDLIEVSDNGCGVEEENF
EGLTLKHHTSKIQEFADLTQVETFGFRGEALSSLCALSDVTISTCHASAKVGTRLMFDHNGKIIQKTPYPRPRGTTVSVQ
QLFSTLPVRHKEFQRNIKKEYAKMVQVLHAYCIISAGIRVSCTNQLGQGKRQPVVCTGGSPSIKENIGSVFGQKQLQSLI
PFVQLPPSDSVCEEYGLSCSDALHNLFYISGFISQCTHGVGRSSTDRQFFFINRRPCDPAKVCRLVNEVYHMYNRHQYPF
VVLNISVDSECVDINVTPDKRQILLQEEKLLLAVLKTSLIGMFD
;
_entity_poly.pdbx_strand_id   A,B
#
# COMPACT_ATOMS: atom_id res chain seq x y z
N CYS A 27 35.91 -12.62 1.06
CA CYS A 27 34.83 -13.41 0.37
C CYS A 27 34.37 -14.58 1.22
N SER A 28 33.42 -14.34 2.11
CA SER A 28 32.86 -15.39 2.95
C SER A 28 31.40 -15.05 2.95
N GLY A 29 30.82 -15.34 1.79
CA GLY A 29 29.42 -15.08 1.55
C GLY A 29 28.35 -15.59 2.49
N GLN A 30 27.31 -14.77 2.59
CA GLN A 30 26.11 -14.99 3.36
C GLN A 30 25.09 -14.88 2.23
N VAL A 31 25.60 -15.21 1.04
CA VAL A 31 24.89 -15.19 -0.24
C VAL A 31 23.39 -15.53 -0.19
N VAL A 32 22.58 -14.65 -0.77
CA VAL A 32 21.14 -14.86 -0.84
C VAL A 32 20.95 -16.03 -1.78
N LEU A 33 20.48 -17.14 -1.22
CA LEU A 33 20.28 -18.36 -1.97
C LEU A 33 19.00 -18.30 -2.79
N SER A 34 18.02 -17.58 -2.25
CA SER A 34 16.76 -17.51 -2.96
C SER A 34 15.98 -16.22 -2.92
N LEU A 35 14.91 -16.27 -3.70
CA LEU A 35 13.97 -15.20 -3.83
C LEU A 35 13.34 -14.95 -2.46
N SER A 36 12.91 -16.01 -1.80
CA SER A 36 12.32 -15.85 -0.48
C SER A 36 13.32 -15.24 0.52
N THR A 37 14.57 -15.69 0.51
CA THR A 37 15.52 -15.12 1.47
C THR A 37 15.93 -13.70 1.10
N ALA A 38 15.87 -13.38 -0.19
CA ALA A 38 16.19 -12.03 -0.63
C ALA A 38 15.10 -11.13 -0.05
N VAL A 39 13.86 -11.58 -0.17
CA VAL A 39 12.72 -10.83 0.32
C VAL A 39 12.69 -10.79 1.84
N LYS A 40 13.19 -11.85 2.46
CA LYS A 40 13.22 -11.90 3.92
C LYS A 40 14.24 -10.88 4.40
N GLU A 41 15.46 -10.97 3.87
CA GLU A 41 16.52 -10.06 4.26
C GLU A 41 16.08 -8.61 4.11
N LEU A 42 15.42 -8.33 3.00
CA LEU A 42 14.93 -6.99 2.70
C LEU A 42 13.87 -6.54 3.69
N VAL A 43 12.84 -7.36 3.90
CA VAL A 43 11.77 -7.02 4.84
C VAL A 43 12.30 -6.83 6.26
N GLU A 44 13.28 -7.63 6.67
CA GLU A 44 13.82 -7.46 8.01
C GLU A 44 14.59 -6.15 8.17
N ASN A 45 15.29 -5.73 7.12
CA ASN A 45 16.02 -4.46 7.19
C ASN A 45 15.03 -3.34 7.53
N SER A 46 13.91 -3.38 6.82
CA SER A 46 12.87 -2.39 7.05
C SER A 46 12.41 -2.49 8.50
N LEU A 47 12.21 -3.73 8.97
CA LEU A 47 11.78 -3.94 10.33
C LEU A 47 12.84 -3.42 11.31
N ASP A 48 14.12 -3.68 11.05
CA ASP A 48 15.15 -3.18 11.95
C ASP A 48 15.26 -1.65 11.87
N ALA A 49 14.76 -1.09 10.78
CA ALA A 49 14.80 0.37 10.59
C ALA A 49 13.62 1.06 11.25
N GLY A 50 12.85 0.31 12.01
CA GLY A 50 11.69 0.87 12.70
C GLY A 50 10.59 1.34 11.79
N ALA A 51 10.35 0.63 10.70
CA ALA A 51 9.31 1.00 9.75
C ALA A 51 7.92 0.61 10.24
N THR A 52 6.91 1.37 9.83
CA THR A 52 5.53 1.05 10.20
C THR A 52 4.77 0.79 8.91
N ASN A 53 5.38 1.15 7.79
CA ASN A 53 4.79 0.89 6.50
C ASN A 53 5.86 0.37 5.55
N ILE A 54 5.69 -0.90 5.16
CA ILE A 54 6.58 -1.65 4.27
C ILE A 54 5.80 -2.16 3.08
N ASP A 55 6.14 -1.69 1.87
CA ASP A 55 5.46 -2.15 0.67
C ASP A 55 6.44 -3.03 -0.12
N LEU A 56 5.92 -4.03 -0.82
CA LEU A 56 6.77 -4.90 -1.60
C LEU A 56 6.23 -5.01 -3.02
N LYS A 57 6.93 -4.45 -4.00
CA LYS A 57 6.47 -4.54 -5.39
C LYS A 57 7.30 -5.52 -6.19
N LEU A 58 6.61 -6.48 -6.79
CA LEU A 58 7.25 -7.52 -7.59
C LEU A 58 6.81 -7.53 -9.05
N LYS A 59 7.77 -7.79 -9.93
CA LYS A 59 7.50 -7.87 -11.37
C LYS A 59 7.88 -9.26 -11.84
N ASP A 60 6.92 -9.96 -12.43
CA ASP A 60 7.15 -11.30 -12.93
C ASP A 60 7.62 -12.16 -11.78
N TYR A 61 6.88 -12.08 -10.68
CA TYR A 61 7.15 -12.83 -9.48
C TYR A 61 8.53 -12.56 -8.91
N GLY A 62 9.05 -11.35 -9.10
CA GLY A 62 10.36 -11.05 -8.57
C GLY A 62 11.52 -11.32 -9.52
N VAL A 63 11.27 -12.06 -10.60
CA VAL A 63 12.29 -12.35 -11.59
C VAL A 63 12.87 -11.06 -12.19
N ASP A 64 11.98 -10.11 -12.48
CA ASP A 64 12.40 -8.83 -13.05
C ASP A 64 12.62 -7.76 -11.99
N LEU A 65 11.74 -7.70 -10.99
CA LEU A 65 11.90 -6.68 -9.94
C LEU A 65 11.42 -7.10 -8.56
N ILE A 66 12.19 -6.65 -7.57
CA ILE A 66 11.86 -6.89 -6.18
C ILE A 66 12.15 -5.53 -5.53
N GLU A 67 11.09 -4.80 -5.22
CA GLU A 67 11.24 -3.49 -4.64
C GLU A 67 10.57 -3.41 -3.28
N VAL A 68 11.39 -3.13 -2.25
CA VAL A 68 10.88 -2.99 -0.90
C VAL A 68 10.96 -1.54 -0.48
N SER A 69 9.80 -0.95 -0.23
CA SER A 69 9.71 0.46 0.17
C SER A 69 9.47 0.51 1.64
N ASP A 70 10.10 1.43 2.36
CA ASP A 70 9.78 1.51 3.77
C ASP A 70 9.91 2.89 4.31
N ASN A 71 9.05 3.22 5.25
CA ASN A 71 9.12 4.52 5.92
C ASN A 71 9.88 4.15 7.18
N GLY A 72 11.19 4.23 7.14
CA GLY A 72 11.98 3.87 8.31
C GLY A 72 12.85 5.02 8.73
N CYS A 73 13.95 4.72 9.40
CA CYS A 73 14.85 5.77 9.85
C CYS A 73 15.73 6.21 8.69
N GLY A 74 15.75 5.42 7.62
CA GLY A 74 16.56 5.77 6.46
C GLY A 74 18.06 5.66 6.76
N VAL A 75 18.87 6.12 5.82
CA VAL A 75 20.31 6.05 5.99
C VAL A 75 20.97 7.42 5.93
N GLU A 76 21.90 7.66 6.85
CA GLU A 76 22.65 8.91 6.92
C GLU A 76 23.72 8.86 5.84
N GLU A 77 24.11 10.03 5.33
CA GLU A 77 25.10 10.12 4.26
C GLU A 77 26.55 9.75 4.61
N GLU A 78 26.87 9.55 5.88
CA GLU A 78 28.24 9.19 6.19
C GLU A 78 28.34 7.67 6.24
N ASN A 79 27.20 7.01 6.01
CA ASN A 79 27.13 5.55 6.02
C ASN A 79 26.76 4.99 4.65
N PHE A 80 26.73 5.84 3.62
CA PHE A 80 26.39 5.39 2.27
C PHE A 80 27.42 4.38 1.80
N GLU A 81 28.67 4.84 1.73
CA GLU A 81 29.78 4.02 1.31
C GLU A 81 29.85 2.71 2.11
N GLY A 82 29.33 2.73 3.33
CA GLY A 82 29.34 1.54 4.16
C GLY A 82 28.14 0.62 3.98
N LEU A 83 27.15 1.06 3.21
CA LEU A 83 25.95 0.27 2.97
C LEU A 83 26.17 -1.15 2.46
N THR A 84 27.28 -1.36 1.74
CA THR A 84 27.60 -2.66 1.17
C THR A 84 28.78 -3.36 1.86
N LEU A 85 29.29 -2.76 2.93
CA LEU A 85 30.43 -3.31 3.64
C LEU A 85 30.09 -3.79 5.06
N GLU A 109 27.01 -9.39 5.23
CA GLU A 109 25.84 -8.61 4.83
C GLU A 109 25.17 -9.02 3.52
N ALA A 110 23.85 -8.86 3.56
CA ALA A 110 22.88 -9.16 2.52
C ALA A 110 22.85 -8.20 1.33
N LEU A 111 23.02 -6.90 1.64
CA LEU A 111 22.99 -5.89 0.61
C LEU A 111 24.16 -6.04 -0.33
N SER A 112 25.30 -6.45 0.21
CA SER A 112 26.47 -6.62 -0.63
C SER A 112 26.30 -7.82 -1.58
N SER A 113 25.64 -8.86 -1.10
CA SER A 113 25.40 -10.05 -1.90
C SER A 113 24.43 -9.74 -3.02
N LEU A 114 23.38 -8.98 -2.68
CA LEU A 114 22.37 -8.61 -3.64
C LEU A 114 23.03 -7.85 -4.78
N CYS A 115 23.86 -6.88 -4.43
CA CYS A 115 24.57 -6.08 -5.41
C CYS A 115 25.28 -7.02 -6.38
N ALA A 116 26.01 -7.97 -5.82
CA ALA A 116 26.75 -8.95 -6.61
C ALA A 116 25.83 -9.77 -7.50
N LEU A 117 24.61 -10.01 -7.03
CA LEU A 117 23.67 -10.83 -7.79
C LEU A 117 22.62 -10.09 -8.59
N SER A 118 22.69 -8.76 -8.60
CA SER A 118 21.70 -7.98 -9.32
C SER A 118 22.07 -6.51 -9.40
N ASP A 119 21.20 -5.74 -10.04
CA ASP A 119 21.41 -4.30 -10.17
C ASP A 119 20.51 -3.67 -9.10
N VAL A 120 21.17 -3.19 -8.04
CA VAL A 120 20.49 -2.58 -6.89
C VAL A 120 20.49 -1.05 -6.92
N THR A 121 19.31 -0.47 -6.75
CA THR A 121 19.19 0.97 -6.70
C THR A 121 18.52 1.29 -5.38
N ILE A 122 19.05 2.27 -4.66
CA ILE A 122 18.46 2.61 -3.38
C ILE A 122 18.28 4.10 -3.25
N SER A 123 17.09 4.51 -2.82
CA SER A 123 16.85 5.91 -2.57
C SER A 123 16.59 5.94 -1.08
N THR A 124 17.01 7.02 -0.43
CA THR A 124 16.84 7.11 1.02
C THR A 124 16.96 8.51 1.55
N CYS A 125 16.37 8.71 2.73
CA CYS A 125 16.37 9.98 3.44
C CYS A 125 16.31 9.71 4.95
N HIS A 126 17.22 10.34 5.70
CA HIS A 126 17.28 10.17 7.16
C HIS A 126 16.61 11.40 7.79
N ALA A 127 16.02 11.25 8.97
CA ALA A 127 15.35 12.36 9.65
C ALA A 127 16.20 13.63 9.64
N SER A 128 17.48 13.45 9.92
CA SER A 128 18.45 14.54 9.98
C SER A 128 18.75 15.15 8.61
N ALA A 129 18.39 14.43 7.55
CA ALA A 129 18.66 14.89 6.19
C ALA A 129 17.75 15.98 5.65
N LYS A 130 18.34 16.93 4.94
CA LYS A 130 17.61 18.04 4.37
C LYS A 130 16.96 17.57 3.05
N VAL A 131 17.60 16.62 2.38
CA VAL A 131 17.09 16.08 1.11
C VAL A 131 17.47 14.60 0.93
N GLY A 132 16.58 13.83 0.31
CA GLY A 132 16.85 12.42 0.08
C GLY A 132 17.97 12.20 -0.93
N THR A 133 18.38 10.94 -1.08
CA THR A 133 19.47 10.58 -2.00
C THR A 133 19.16 9.29 -2.75
N ARG A 134 19.55 9.25 -4.03
CA ARG A 134 19.37 8.06 -4.87
C ARG A 134 20.75 7.51 -5.21
N LEU A 135 20.94 6.22 -4.96
CA LEU A 135 22.21 5.55 -5.21
C LEU A 135 22.09 4.33 -6.14
N MET A 136 23.03 4.22 -7.08
CA MET A 136 23.12 3.10 -8.03
C MET A 136 24.44 2.38 -7.72
N PHE A 137 24.38 1.07 -7.48
CA PHE A 137 25.60 0.30 -7.18
C PHE A 137 26.01 -0.66 -8.28
N ASP A 138 27.32 -0.87 -8.40
CA ASP A 138 27.82 -1.83 -9.38
C ASP A 138 27.81 -3.19 -8.66
N HIS A 139 28.27 -4.25 -9.33
CA HIS A 139 28.25 -5.57 -8.72
C HIS A 139 29.26 -5.83 -7.59
N ASN A 140 30.20 -4.90 -7.40
CA ASN A 140 31.21 -4.99 -6.34
C ASN A 140 30.74 -4.17 -5.14
N GLY A 141 29.47 -3.78 -5.16
CA GLY A 141 28.93 -2.97 -4.08
C GLY A 141 29.39 -1.52 -4.09
N LYS A 142 30.09 -1.10 -5.14
CA LYS A 142 30.60 0.26 -5.25
C LYS A 142 29.47 1.18 -5.67
N ILE A 143 29.52 2.43 -5.20
CA ILE A 143 28.50 3.40 -5.58
C ILE A 143 28.87 3.95 -6.95
N ILE A 144 27.99 3.75 -7.91
CA ILE A 144 28.22 4.23 -9.28
C ILE A 144 27.86 5.70 -9.34
N GLN A 145 26.63 5.97 -8.93
CA GLN A 145 26.03 7.29 -8.98
C GLN A 145 25.37 7.64 -7.65
N LYS A 146 25.34 8.93 -7.34
CA LYS A 146 24.74 9.43 -6.11
C LYS A 146 24.17 10.79 -6.46
N THR A 147 22.85 10.94 -6.41
CA THR A 147 22.22 12.22 -6.73
C THR A 147 21.15 12.63 -5.74
N PRO A 148 20.99 13.93 -5.50
CA PRO A 148 19.97 14.40 -4.55
C PRO A 148 18.62 13.92 -5.08
N TYR A 149 17.78 13.45 -4.19
CA TYR A 149 16.49 12.91 -4.59
C TYR A 149 15.47 13.12 -3.46
N PRO A 150 14.47 13.98 -3.71
CA PRO A 150 13.40 14.32 -2.76
C PRO A 150 12.45 13.17 -2.50
N ARG A 151 12.46 12.72 -1.26
CA ARG A 151 11.60 11.65 -0.85
C ARG A 151 11.41 11.72 0.65
N PRO A 152 10.27 11.22 1.12
CA PRO A 152 10.00 11.22 2.56
C PRO A 152 11.02 10.36 3.27
N ARG A 153 11.02 10.47 4.59
CA ARG A 153 11.93 9.71 5.40
C ARG A 153 11.67 8.23 5.14
N GLY A 154 12.77 7.46 5.05
CA GLY A 154 12.61 6.06 4.75
C GLY A 154 13.61 5.54 3.72
N THR A 155 13.39 4.32 3.26
CA THR A 155 14.28 3.76 2.29
C THR A 155 13.51 2.94 1.26
N THR A 156 14.04 2.85 0.05
CA THR A 156 13.42 2.06 -1.00
C THR A 156 14.58 1.33 -1.67
N VAL A 157 14.52 -0.01 -1.63
CA VAL A 157 15.55 -0.86 -2.22
C VAL A 157 15.03 -1.59 -3.46
N SER A 158 15.69 -1.39 -4.59
CA SER A 158 15.27 -2.05 -5.83
C SER A 158 16.26 -3.11 -6.29
N VAL A 159 15.80 -4.34 -6.34
CA VAL A 159 16.64 -5.44 -6.80
C VAL A 159 16.15 -5.77 -8.20
N GLN A 160 16.89 -5.27 -9.19
CA GLN A 160 16.51 -5.49 -10.59
C GLN A 160 17.19 -6.70 -11.23
N GLN A 161 16.36 -7.62 -11.71
CA GLN A 161 16.78 -8.84 -12.39
C GLN A 161 17.65 -9.74 -11.52
N LEU A 162 17.07 -10.28 -10.46
CA LEU A 162 17.81 -11.14 -9.56
C LEU A 162 18.55 -12.26 -10.29
N PHE A 163 19.78 -12.53 -9.82
CA PHE A 163 20.64 -13.58 -10.36
C PHE A 163 21.19 -13.44 -11.77
N SER A 164 21.00 -12.29 -12.40
CA SER A 164 21.50 -12.10 -13.76
C SER A 164 23.02 -12.31 -13.88
N THR A 165 23.76 -12.12 -12.80
CA THR A 165 25.20 -12.28 -12.87
C THR A 165 25.61 -13.76 -12.86
N LEU A 166 24.67 -14.62 -12.47
CA LEU A 166 24.89 -16.07 -12.46
C LEU A 166 23.86 -16.72 -13.37
N PRO A 167 24.13 -16.74 -14.68
CA PRO A 167 23.22 -17.32 -15.67
C PRO A 167 22.54 -18.61 -15.20
N VAL A 168 23.33 -19.58 -14.78
CA VAL A 168 22.81 -20.87 -14.33
C VAL A 168 21.73 -20.75 -13.24
N ARG A 169 22.03 -19.99 -12.20
CA ARG A 169 21.11 -19.81 -11.08
C ARG A 169 19.90 -19.01 -11.50
N HIS A 170 20.10 -18.14 -12.47
CA HIS A 170 19.02 -17.29 -12.98
C HIS A 170 18.00 -18.10 -13.77
N LYS A 171 18.45 -19.12 -14.48
CA LYS A 171 17.53 -19.92 -15.28
C LYS A 171 16.80 -20.87 -14.36
N GLU A 172 17.53 -21.36 -13.36
CA GLU A 172 16.92 -22.26 -12.40
C GLU A 172 15.80 -21.48 -11.72
N PHE A 173 16.07 -20.20 -11.47
CA PHE A 173 15.09 -19.32 -10.85
C PHE A 173 13.86 -19.19 -11.73
N GLN A 174 14.06 -18.97 -13.03
CA GLN A 174 12.94 -18.83 -13.95
C GLN A 174 12.16 -20.13 -14.13
N ARG A 175 12.88 -21.25 -14.20
CA ARG A 175 12.19 -22.53 -14.40
C ARG A 175 11.37 -22.94 -13.20
N ASN A 176 11.96 -22.77 -12.02
CA ASN A 176 11.29 -23.16 -10.78
C ASN A 176 10.29 -22.16 -10.23
N ILE A 177 10.39 -20.93 -10.71
CA ILE A 177 9.53 -19.83 -10.25
C ILE A 177 8.27 -20.13 -9.42
N LYS A 178 7.43 -21.06 -9.85
CA LYS A 178 6.21 -21.35 -9.07
C LYS A 178 6.51 -21.75 -7.63
N LYS A 179 7.51 -22.62 -7.44
CA LYS A 179 7.87 -23.05 -6.10
C LYS A 179 8.62 -21.94 -5.35
N GLU A 180 9.53 -21.29 -6.06
CA GLU A 180 10.30 -20.19 -5.50
C GLU A 180 9.36 -19.10 -4.99
N TYR A 181 8.37 -18.77 -5.80
CA TYR A 181 7.41 -17.74 -5.46
C TYR A 181 6.55 -18.16 -4.27
N ALA A 182 6.09 -19.41 -4.30
CA ALA A 182 5.25 -19.89 -3.21
C ALA A 182 6.05 -19.87 -1.93
N LYS A 183 7.34 -20.16 -2.02
CA LYS A 183 8.15 -20.16 -0.82
C LYS A 183 8.20 -18.75 -0.27
N MET A 184 8.25 -17.76 -1.16
CA MET A 184 8.31 -16.37 -0.71
C MET A 184 7.01 -15.91 -0.10
N VAL A 185 5.89 -16.34 -0.69
CA VAL A 185 4.59 -15.95 -0.17
C VAL A 185 4.44 -16.42 1.28
N GLN A 186 4.90 -17.64 1.56
CA GLN A 186 4.83 -18.16 2.92
C GLN A 186 5.68 -17.29 3.82
N VAL A 187 6.87 -16.94 3.38
CA VAL A 187 7.72 -16.09 4.18
C VAL A 187 7.01 -14.76 4.39
N LEU A 188 6.50 -14.18 3.32
CA LEU A 188 5.80 -12.91 3.41
C LEU A 188 4.60 -12.99 4.36
N HIS A 189 3.75 -13.99 4.17
CA HIS A 189 2.61 -14.14 5.06
C HIS A 189 3.06 -14.23 6.52
N ALA A 190 4.12 -14.98 6.75
CA ALA A 190 4.63 -15.13 8.11
C ALA A 190 4.82 -13.74 8.74
N TYR A 191 5.63 -12.90 8.09
CA TYR A 191 5.88 -11.57 8.62
C TYR A 191 4.61 -10.71 8.70
N CYS A 192 3.66 -10.92 7.80
CA CYS A 192 2.42 -10.15 7.81
C CYS A 192 1.62 -10.44 9.05
N ILE A 193 1.50 -11.73 9.35
CA ILE A 193 0.78 -12.20 10.53
C ILE A 193 1.37 -11.71 11.86
N ILE A 194 2.69 -11.83 11.99
CA ILE A 194 3.38 -11.46 13.22
C ILE A 194 3.66 -9.97 13.41
N SER A 195 3.78 -9.22 12.32
CA SER A 195 4.05 -7.80 12.46
C SER A 195 2.73 -7.09 12.78
N ALA A 196 2.54 -6.79 14.05
CA ALA A 196 1.33 -6.12 14.47
C ALA A 196 1.62 -4.63 14.49
N GLY A 197 0.63 -3.83 14.09
CA GLY A 197 0.83 -2.40 14.07
C GLY A 197 1.80 -2.03 12.98
N ILE A 198 1.87 -2.83 11.92
CA ILE A 198 2.75 -2.57 10.79
C ILE A 198 2.05 -2.91 9.47
N ARG A 199 1.83 -1.91 8.63
CA ARG A 199 1.17 -2.18 7.35
C ARG A 199 2.19 -2.81 6.39
N VAL A 200 1.90 -4.02 5.96
CA VAL A 200 2.77 -4.74 5.03
C VAL A 200 1.93 -5.02 3.80
N SER A 201 2.35 -4.50 2.63
CA SER A 201 1.62 -4.71 1.38
C SER A 201 2.53 -5.24 0.28
N CYS A 202 1.94 -5.95 -0.67
CA CYS A 202 2.68 -6.52 -1.79
C CYS A 202 1.79 -6.76 -3.00
N THR A 203 2.32 -6.47 -4.18
CA THR A 203 1.61 -6.67 -5.44
C THR A 203 2.56 -7.26 -6.46
N ASN A 204 2.01 -8.01 -7.41
CA ASN A 204 2.82 -8.61 -8.45
C ASN A 204 2.28 -8.17 -9.79
N GLN A 205 3.18 -8.00 -10.75
CA GLN A 205 2.80 -7.54 -12.08
C GLN A 205 3.45 -8.43 -13.12
N LEU A 206 2.64 -9.10 -13.95
CA LEU A 206 3.17 -9.99 -14.97
C LEU A 206 3.28 -9.29 -16.31
N GLY A 207 4.52 -9.10 -16.78
CA GLY A 207 4.72 -8.43 -18.05
C GLY A 207 4.14 -7.02 -17.98
N GLN A 208 3.29 -6.68 -18.93
CA GLN A 208 2.67 -5.35 -18.93
C GLN A 208 1.25 -5.44 -18.40
N GLY A 209 0.91 -6.58 -17.83
CA GLY A 209 -0.41 -6.78 -17.27
C GLY A 209 -0.69 -5.86 -16.10
N LYS A 210 -1.89 -5.98 -15.53
CA LYS A 210 -2.31 -5.17 -14.39
C LYS A 210 -1.73 -5.76 -13.12
N ARG A 211 -1.50 -4.90 -12.14
CA ARG A 211 -0.96 -5.37 -10.88
C ARG A 211 -1.91 -6.31 -10.19
N GLN A 212 -1.35 -7.38 -9.64
CA GLN A 212 -2.15 -8.36 -8.94
C GLN A 212 -1.89 -8.27 -7.45
N PRO A 213 -2.89 -8.67 -6.65
CA PRO A 213 -2.82 -8.66 -5.20
C PRO A 213 -2.06 -9.86 -4.70
N VAL A 214 -1.26 -9.65 -3.67
CA VAL A 214 -0.51 -10.73 -3.07
C VAL A 214 -0.90 -10.70 -1.61
N VAL A 215 -0.89 -9.51 -1.01
CA VAL A 215 -1.25 -9.39 0.40
C VAL A 215 -1.27 -7.94 0.85
N CYS A 216 -2.11 -7.64 1.84
CA CYS A 216 -2.20 -6.29 2.40
C CYS A 216 -2.81 -6.27 3.80
N THR A 217 -1.99 -6.00 4.82
CA THR A 217 -2.48 -5.94 6.21
C THR A 217 -2.76 -4.47 6.53
N GLY A 218 -3.56 -4.22 7.54
CA GLY A 218 -3.89 -2.84 7.86
C GLY A 218 -3.23 -2.17 9.04
N GLY A 219 -2.13 -2.74 9.52
CA GLY A 219 -1.45 -2.14 10.66
C GLY A 219 -2.24 -2.36 11.95
N SER A 220 -3.05 -3.41 11.95
CA SER A 220 -3.87 -3.75 13.11
C SER A 220 -2.96 -4.08 14.27
N PRO A 221 -3.37 -3.72 15.49
CA PRO A 221 -2.59 -3.98 16.69
C PRO A 221 -2.67 -5.44 17.14
N SER A 222 -3.42 -6.27 16.41
CA SER A 222 -3.52 -7.66 16.81
C SER A 222 -3.29 -8.70 15.71
N ILE A 223 -2.72 -9.82 16.13
CA ILE A 223 -2.42 -10.93 15.26
C ILE A 223 -3.69 -11.44 14.60
N LYS A 224 -4.74 -11.60 15.39
CA LYS A 224 -6.02 -12.10 14.89
C LYS A 224 -6.48 -11.31 13.69
N GLU A 225 -6.30 -9.99 13.75
CA GLU A 225 -6.71 -9.15 12.65
C GLU A 225 -5.82 -9.35 11.42
N ASN A 226 -4.51 -9.46 11.62
CA ASN A 226 -3.63 -9.66 10.46
C ASN A 226 -3.99 -10.95 9.74
N ILE A 227 -4.43 -11.96 10.50
CA ILE A 227 -4.82 -13.22 9.88
C ILE A 227 -6.03 -12.97 9.01
N GLY A 228 -6.97 -12.17 9.52
CA GLY A 228 -8.15 -11.80 8.76
C GLY A 228 -7.70 -11.12 7.46
N SER A 229 -6.83 -10.11 7.58
CA SER A 229 -6.32 -9.40 6.40
C SER A 229 -5.69 -10.32 5.35
N VAL A 230 -4.81 -11.21 5.81
CA VAL A 230 -4.11 -12.12 4.92
C VAL A 230 -4.92 -13.25 4.28
N PHE A 231 -5.71 -13.95 5.08
CA PHE A 231 -6.49 -15.05 4.54
C PHE A 231 -8.00 -14.76 4.48
N GLY A 232 -8.39 -13.55 4.83
CA GLY A 232 -9.80 -13.21 4.80
C GLY A 232 -10.56 -13.78 6.00
N GLN A 233 -11.76 -13.26 6.21
CA GLN A 233 -12.65 -13.64 7.32
C GLN A 233 -13.21 -15.07 7.39
N LYS A 234 -13.19 -15.83 6.30
CA LYS A 234 -13.72 -17.18 6.36
C LYS A 234 -12.75 -18.10 7.09
N GLN A 235 -11.45 -17.81 6.97
CA GLN A 235 -10.44 -18.61 7.63
C GLN A 235 -10.54 -18.39 9.13
N LEU A 236 -10.65 -17.12 9.52
CA LEU A 236 -10.76 -16.74 10.93
C LEU A 236 -11.85 -17.44 11.71
N GLN A 237 -13.01 -17.57 11.08
CA GLN A 237 -14.14 -18.19 11.76
C GLN A 237 -13.91 -19.65 12.14
N SER A 238 -13.08 -20.36 11.38
CA SER A 238 -12.81 -21.76 11.71
C SER A 238 -11.65 -21.90 12.71
N LEU A 239 -11.23 -20.79 13.30
CA LEU A 239 -10.11 -20.80 14.24
C LEU A 239 -10.53 -20.55 15.69
N ILE A 240 -9.75 -21.09 16.62
CA ILE A 240 -10.00 -20.86 18.04
C ILE A 240 -8.69 -20.38 18.63
N PRO A 241 -8.77 -19.47 19.60
CA PRO A 241 -7.55 -18.97 20.20
C PRO A 241 -6.80 -20.01 21.00
N PHE A 242 -5.52 -19.72 21.22
CA PHE A 242 -4.72 -20.63 21.97
C PHE A 242 -4.90 -20.40 23.45
N VAL A 243 -5.05 -21.49 24.19
CA VAL A 243 -5.25 -21.41 25.62
C VAL A 243 -4.17 -22.31 26.22
N GLN A 244 -3.26 -21.70 26.96
CA GLN A 244 -2.18 -22.43 27.57
C GLN A 244 -2.64 -23.07 28.88
N LEU A 245 -2.11 -24.25 29.14
CA LEU A 245 -2.43 -24.99 30.35
C LEU A 245 -1.16 -25.52 30.95
N PRO A 246 -1.14 -25.71 32.28
CA PRO A 246 0.08 -26.23 32.91
C PRO A 246 0.19 -27.64 32.36
N PRO A 247 1.41 -28.14 32.13
CA PRO A 247 1.49 -29.51 31.60
C PRO A 247 0.79 -30.45 32.59
N SER A 248 0.00 -31.38 32.06
CA SER A 248 -0.75 -32.34 32.88
C SER A 248 0.17 -33.44 33.42
N ASP A 249 -0.32 -34.19 34.41
CA ASP A 249 0.47 -35.27 34.98
C ASP A 249 0.69 -36.42 34.01
N SER A 250 -0.36 -36.82 33.31
CA SER A 250 -0.27 -37.90 32.34
C SER A 250 0.70 -37.55 31.21
N VAL A 251 0.62 -36.31 30.73
CA VAL A 251 1.48 -35.86 29.65
C VAL A 251 2.93 -35.69 30.12
N CYS A 252 3.13 -35.23 31.35
CA CYS A 252 4.49 -35.09 31.86
C CYS A 252 5.05 -36.50 31.95
N GLU A 253 4.21 -37.42 32.41
CA GLU A 253 4.61 -38.81 32.55
C GLU A 253 5.17 -39.31 31.22
N GLU A 254 4.44 -39.10 30.14
CA GLU A 254 4.91 -39.58 28.84
C GLU A 254 6.11 -38.83 28.31
N TYR A 255 6.43 -37.67 28.88
CA TYR A 255 7.60 -36.94 28.38
C TYR A 255 8.78 -37.01 29.36
N GLY A 256 8.62 -37.84 30.38
CA GLY A 256 9.65 -38.00 31.39
C GLY A 256 9.96 -36.69 32.07
N LEU A 257 8.92 -36.10 32.65
CA LEU A 257 9.01 -34.85 33.35
C LEU A 257 8.42 -34.96 34.74
N SER A 258 8.99 -34.20 35.66
CA SER A 258 8.50 -34.19 37.03
C SER A 258 8.33 -32.75 37.49
N CYS A 259 7.68 -32.58 38.63
CA CYS A 259 7.43 -31.26 39.21
C CYS A 259 8.63 -30.33 39.01
N SER A 260 9.80 -30.76 39.47
CA SER A 260 11.02 -29.96 39.34
C SER A 260 11.26 -29.55 37.89
N ASP A 261 10.86 -30.42 36.96
CA ASP A 261 11.01 -30.18 35.54
C ASP A 261 10.07 -29.12 34.96
N ALA A 262 8.86 -29.02 35.51
CA ALA A 262 7.87 -28.09 35.01
C ALA A 262 7.64 -26.87 35.89
N LEU A 263 8.55 -26.61 36.82
CA LEU A 263 8.36 -25.48 37.72
C LEU A 263 8.84 -24.14 37.21
N HIS A 264 9.94 -24.14 36.46
CA HIS A 264 10.48 -22.90 35.95
C HIS A 264 10.14 -22.67 34.48
N ASN A 265 9.01 -23.24 34.11
CA ASN A 265 8.45 -23.13 32.78
C ASN A 265 8.35 -21.65 32.43
N LEU A 266 9.13 -21.23 31.44
CA LEU A 266 9.11 -19.84 31.01
C LEU A 266 8.56 -19.74 29.60
N PHE A 267 7.87 -20.79 29.15
CA PHE A 267 7.30 -20.80 27.81
C PHE A 267 5.90 -20.17 27.74
N TYR A 268 5.77 -19.09 26.98
CA TYR A 268 4.46 -18.48 26.81
C TYR A 268 4.02 -18.67 25.36
N ILE A 269 2.99 -19.47 25.17
CA ILE A 269 2.49 -19.76 23.83
C ILE A 269 1.18 -19.04 23.55
N SER A 270 1.06 -18.53 22.33
CA SER A 270 -0.13 -17.77 21.90
C SER A 270 -0.33 -17.90 20.40
N GLY A 271 -1.57 -17.82 19.95
CA GLY A 271 -1.84 -17.92 18.52
C GLY A 271 -3.22 -18.47 18.23
N PHE A 272 -3.40 -19.06 17.05
CA PHE A 272 -4.68 -19.63 16.68
C PHE A 272 -4.47 -20.94 15.95
N ILE A 273 -5.50 -21.78 15.98
CA ILE A 273 -5.44 -23.07 15.34
C ILE A 273 -6.86 -23.47 14.89
N SER A 274 -6.96 -24.19 13.79
CA SER A 274 -8.24 -24.61 13.27
C SER A 274 -8.92 -25.48 14.30
N GLN A 275 -10.25 -25.45 14.34
CA GLN A 275 -11.00 -26.27 15.26
C GLN A 275 -10.77 -27.74 14.88
N CYS A 276 -11.12 -28.66 15.78
CA CYS A 276 -10.96 -30.07 15.49
C CYS A 276 -12.21 -30.58 14.77
N THR A 277 -13.16 -29.67 14.55
CA THR A 277 -14.40 -30.03 13.88
C THR A 277 -14.17 -30.61 12.49
N HIS A 278 -14.91 -31.68 12.21
CA HIS A 278 -14.85 -32.42 10.95
C HIS A 278 -15.04 -31.53 9.71
N GLY A 279 -14.08 -31.58 8.79
CA GLY A 279 -14.15 -30.79 7.57
C GLY A 279 -13.51 -29.41 7.62
N VAL A 280 -13.68 -28.72 8.74
CA VAL A 280 -13.13 -27.38 8.96
C VAL A 280 -11.65 -27.20 8.61
N GLY A 281 -10.84 -28.24 8.79
CA GLY A 281 -9.42 -28.14 8.52
C GLY A 281 -8.98 -27.76 7.11
N ARG A 282 -7.74 -28.10 6.79
CA ARG A 282 -7.16 -27.81 5.48
C ARG A 282 -6.87 -29.16 4.85
N SER A 283 -6.34 -29.15 3.63
CA SER A 283 -6.03 -30.39 2.93
C SER A 283 -4.54 -30.70 3.03
N SER A 284 -3.76 -29.69 3.38
CA SER A 284 -2.31 -29.86 3.51
C SER A 284 -1.81 -28.88 4.58
N THR A 285 -0.51 -28.91 4.83
CA THR A 285 0.11 -28.03 5.83
C THR A 285 0.46 -26.66 5.24
N ASP A 286 -0.18 -26.29 4.13
CA ASP A 286 0.10 -25.01 3.47
C ASP A 286 -0.11 -23.75 4.30
N ARG A 287 -0.85 -23.83 5.40
CA ARG A 287 -1.07 -22.65 6.23
C ARG A 287 -0.72 -22.88 7.69
N GLN A 288 0.57 -23.08 7.95
CA GLN A 288 1.05 -23.31 9.30
C GLN A 288 2.25 -22.42 9.57
N PHE A 289 2.08 -21.48 10.49
CA PHE A 289 3.15 -20.55 10.83
C PHE A 289 3.58 -20.60 12.29
N PHE A 290 4.88 -20.84 12.50
CA PHE A 290 5.46 -20.92 13.83
C PHE A 290 6.52 -19.84 14.03
N PHE A 291 6.55 -19.28 15.23
CA PHE A 291 7.54 -18.25 15.54
C PHE A 291 8.11 -18.46 16.92
N ILE A 292 9.39 -18.15 17.08
CA ILE A 292 10.03 -18.22 18.38
C ILE A 292 10.46 -16.78 18.61
N ASN A 293 9.81 -16.13 19.56
CA ASN A 293 10.11 -14.74 19.89
C ASN A 293 9.86 -13.79 18.75
N ARG A 294 8.73 -14.03 18.06
CA ARG A 294 8.28 -13.19 16.95
C ARG A 294 9.12 -13.33 15.70
N ARG A 295 9.91 -14.40 15.62
CA ARG A 295 10.74 -14.63 14.45
C ARG A 295 10.32 -15.91 13.77
N PRO A 296 9.91 -15.81 12.49
CA PRO A 296 9.48 -16.97 11.69
C PRO A 296 10.53 -18.07 11.75
N CYS A 297 10.09 -19.29 11.97
CA CYS A 297 11.00 -20.41 12.02
C CYS A 297 10.27 -21.71 11.77
N ASP A 298 11.03 -22.79 11.74
CA ASP A 298 10.50 -24.11 11.48
C ASP A 298 10.80 -25.12 12.58
N PRO A 299 10.24 -24.93 13.80
CA PRO A 299 10.57 -25.94 14.81
C PRO A 299 10.05 -27.27 14.28
N ALA A 300 10.93 -28.25 14.20
CA ALA A 300 10.56 -29.55 13.66
C ALA A 300 9.63 -30.37 14.55
N LYS A 301 10.09 -30.63 15.78
CA LYS A 301 9.32 -31.40 16.72
C LYS A 301 7.98 -30.76 17.08
N VAL A 302 8.01 -29.45 17.32
CA VAL A 302 6.80 -28.69 17.65
C VAL A 302 5.79 -28.86 16.51
N CYS A 303 6.27 -28.82 15.28
CA CYS A 303 5.39 -28.97 14.13
C CYS A 303 4.71 -30.33 14.06
N ARG A 304 5.48 -31.40 14.23
CA ARG A 304 4.92 -32.74 14.18
C ARG A 304 3.88 -32.86 15.30
N LEU A 305 4.32 -32.55 16.52
CA LEU A 305 3.47 -32.63 17.69
C LEU A 305 2.13 -31.95 17.48
N VAL A 306 2.16 -30.73 16.94
CA VAL A 306 0.94 -29.98 16.71
C VAL A 306 0.02 -30.70 15.72
N ASN A 307 0.59 -31.25 14.66
CA ASN A 307 -0.22 -31.96 13.67
C ASN A 307 -0.80 -33.25 14.20
N GLU A 308 0.03 -34.06 14.85
CA GLU A 308 -0.41 -35.32 15.42
C GLU A 308 -1.55 -35.12 16.41
N VAL A 309 -1.37 -34.21 17.36
CA VAL A 309 -2.42 -33.95 18.35
C VAL A 309 -3.69 -33.54 17.63
N TYR A 310 -3.54 -32.94 16.46
CA TYR A 310 -4.69 -32.52 15.68
C TYR A 310 -5.34 -33.74 15.03
N HIS A 311 -4.51 -34.60 14.43
CA HIS A 311 -5.00 -35.80 13.78
C HIS A 311 -5.77 -36.72 14.74
N MET A 312 -5.60 -36.52 16.05
CA MET A 312 -6.31 -37.34 17.02
C MET A 312 -7.81 -37.02 16.99
N TYR A 313 -8.14 -35.81 16.53
CA TYR A 313 -9.53 -35.36 16.46
C TYR A 313 -9.98 -35.15 15.02
N ASN A 314 -9.05 -35.26 14.07
CA ASN A 314 -9.35 -35.04 12.64
C ASN A 314 -8.36 -35.75 11.69
N ARG A 315 -8.23 -37.07 11.81
CA ARG A 315 -7.31 -37.87 10.98
C ARG A 315 -7.15 -37.44 9.50
N HIS A 316 -8.23 -36.91 8.94
CA HIS A 316 -8.30 -36.50 7.52
C HIS A 316 -7.92 -35.07 7.12
N GLN A 317 -7.31 -34.30 8.00
CA GLN A 317 -6.96 -32.92 7.65
C GLN A 317 -5.85 -32.36 8.51
N TYR A 318 -5.19 -31.33 7.99
CA TYR A 318 -4.12 -30.65 8.72
C TYR A 318 -4.74 -29.33 9.16
N PRO A 319 -4.29 -28.79 10.30
CA PRO A 319 -4.86 -27.53 10.77
C PRO A 319 -4.16 -26.28 10.30
N PHE A 320 -4.86 -25.15 10.45
CA PHE A 320 -4.31 -23.84 10.12
C PHE A 320 -3.56 -23.54 11.41
N VAL A 321 -2.32 -23.09 11.30
CA VAL A 321 -1.58 -22.82 12.52
C VAL A 321 -0.78 -21.52 12.61
N VAL A 322 -1.04 -20.79 13.69
CA VAL A 322 -0.32 -19.55 14.00
C VAL A 322 0.05 -19.76 15.47
N LEU A 323 1.34 -19.93 15.69
CA LEU A 323 1.88 -20.21 17.00
C LEU A 323 3.14 -19.44 17.30
N ASN A 324 3.11 -18.57 18.30
CA ASN A 324 4.33 -17.88 18.69
C ASN A 324 4.74 -18.45 20.03
N ILE A 325 6.03 -18.68 20.21
CA ILE A 325 6.56 -19.24 21.44
C ILE A 325 7.51 -18.21 22.03
N SER A 326 7.10 -17.58 23.13
CA SER A 326 7.91 -16.57 23.80
C SER A 326 8.84 -17.24 24.79
N VAL A 327 10.13 -16.94 24.70
CA VAL A 327 11.15 -17.55 25.56
C VAL A 327 12.32 -16.64 25.84
N ASP A 328 13.19 -17.06 26.76
CA ASP A 328 14.39 -16.30 27.13
C ASP A 328 15.49 -16.64 26.14
N SER A 329 15.88 -15.65 25.33
CA SER A 329 16.91 -15.77 24.29
C SER A 329 18.05 -16.74 24.63
N GLU A 330 18.53 -16.69 25.87
CA GLU A 330 19.62 -17.55 26.30
C GLU A 330 19.24 -19.02 26.28
N CYS A 331 17.95 -19.30 26.11
CA CYS A 331 17.45 -20.68 26.05
C CYS A 331 17.13 -21.09 24.62
N VAL A 332 17.80 -20.45 23.65
CA VAL A 332 17.65 -20.72 22.22
C VAL A 332 19.01 -20.86 21.54
N LEU A 344 18.01 -23.06 18.71
CA LEU A 344 17.57 -24.38 19.14
C LEU A 344 16.96 -24.28 20.54
N LEU A 345 16.25 -25.32 21.00
CA LEU A 345 15.58 -25.26 22.31
C LEU A 345 16.15 -26.03 23.51
N GLN A 346 16.20 -25.33 24.64
CA GLN A 346 16.72 -25.90 25.88
C GLN A 346 15.81 -26.87 26.62
N GLU A 347 14.59 -26.47 26.93
CA GLU A 347 13.69 -27.37 27.62
C GLU A 347 12.55 -27.66 26.64
N GLU A 348 12.82 -28.56 25.71
CA GLU A 348 11.85 -28.93 24.68
C GLU A 348 10.71 -29.79 25.18
N LYS A 349 11.07 -30.80 25.96
CA LYS A 349 10.10 -31.73 26.51
C LYS A 349 9.04 -30.96 27.26
N LEU A 350 9.47 -29.99 28.07
CA LEU A 350 8.52 -29.20 28.83
C LEU A 350 7.57 -28.50 27.86
N LEU A 351 8.14 -27.85 26.85
CA LEU A 351 7.35 -27.15 25.85
C LEU A 351 6.37 -28.07 25.15
N LEU A 352 6.87 -29.19 24.61
CA LEU A 352 6.02 -30.15 23.92
C LEU A 352 4.92 -30.64 24.86
N ALA A 353 5.27 -30.79 26.14
CA ALA A 353 4.32 -31.23 27.15
C ALA A 353 3.22 -30.19 27.27
N VAL A 354 3.64 -28.94 27.41
CA VAL A 354 2.74 -27.79 27.52
C VAL A 354 1.82 -27.72 26.30
N LEU A 355 2.40 -27.83 25.12
CA LEU A 355 1.65 -27.78 23.87
C LEU A 355 0.57 -28.86 23.78
N LYS A 356 0.99 -30.11 23.95
CA LYS A 356 0.07 -31.24 23.89
C LYS A 356 -1.07 -31.13 24.90
N THR A 357 -0.73 -30.80 26.14
CA THR A 357 -1.73 -30.65 27.18
C THR A 357 -2.71 -29.57 26.77
N SER A 358 -2.18 -28.40 26.43
CA SER A 358 -3.00 -27.26 26.03
C SER A 358 -3.90 -27.56 24.83
N LEU A 359 -3.34 -28.18 23.79
CA LEU A 359 -4.13 -28.53 22.60
C LEU A 359 -5.25 -29.51 22.95
N ILE A 360 -4.93 -30.52 23.76
CA ILE A 360 -5.91 -31.52 24.18
C ILE A 360 -7.08 -30.85 24.90
N GLY A 361 -6.77 -29.88 25.76
CA GLY A 361 -7.81 -29.18 26.49
C GLY A 361 -8.71 -28.37 25.59
N MET A 362 -8.14 -27.84 24.50
CA MET A 362 -8.93 -27.02 23.59
C MET A 362 -9.80 -27.88 22.68
N PHE A 363 -9.27 -29.02 22.25
CA PHE A 363 -10.02 -29.89 21.35
C PHE A 363 -11.11 -30.80 21.93
N ASP A 364 -11.12 -31.01 23.24
CA ASP A 364 -12.16 -31.85 23.85
C ASP A 364 -13.39 -30.99 24.15
N CYS B 27 -27.38 24.10 10.20
CA CYS B 27 -27.47 23.06 9.13
C CYS B 27 -27.33 23.70 7.76
N SER B 28 -26.24 23.38 7.05
CA SER B 28 -26.01 23.88 5.71
C SER B 28 -24.83 23.06 5.28
N GLY B 29 -25.14 21.82 4.96
CA GLY B 29 -24.12 20.88 4.58
C GLY B 29 -23.29 20.99 3.32
N GLN B 30 -22.16 20.31 3.43
CA GLN B 30 -21.17 20.13 2.38
C GLN B 30 -21.44 18.65 2.33
N VAL B 31 -22.74 18.38 2.46
CA VAL B 31 -23.31 17.05 2.46
C VAL B 31 -22.73 16.31 1.28
N VAL B 32 -22.04 15.24 1.66
CA VAL B 32 -21.40 14.34 0.75
C VAL B 32 -22.51 13.76 -0.10
N LEU B 33 -22.46 14.09 -1.39
CA LEU B 33 -23.45 13.62 -2.32
C LEU B 33 -23.07 12.24 -2.83
N SER B 34 -21.78 11.98 -3.01
CA SER B 34 -21.38 10.70 -3.55
C SER B 34 -20.09 10.05 -3.04
N LEU B 35 -19.91 8.81 -3.46
CA LEU B 35 -18.73 8.03 -3.12
C LEU B 35 -17.49 8.82 -3.55
N SER B 36 -17.48 9.28 -4.80
CA SER B 36 -16.34 10.05 -5.27
C SER B 36 -16.08 11.28 -4.40
N THR B 37 -17.13 12.02 -4.02
CA THR B 37 -16.84 13.19 -3.21
C THR B 37 -16.40 12.84 -1.79
N ALA B 38 -16.94 11.77 -1.23
CA ALA B 38 -16.54 11.36 0.11
C ALA B 38 -15.06 11.04 0.04
N VAL B 39 -14.67 10.36 -1.03
CA VAL B 39 -13.28 9.98 -1.24
C VAL B 39 -12.45 11.23 -1.54
N LYS B 40 -13.05 12.21 -2.19
CA LYS B 40 -12.32 13.43 -2.48
C LYS B 40 -11.98 14.16 -1.18
N GLU B 41 -12.98 14.33 -0.33
CA GLU B 41 -12.79 15.02 0.96
C GLU B 41 -11.74 14.34 1.83
N LEU B 42 -11.83 13.01 1.93
CA LEU B 42 -10.88 12.27 2.74
C LEU B 42 -9.45 12.42 2.24
N VAL B 43 -9.23 12.17 0.95
CA VAL B 43 -7.91 12.28 0.36
C VAL B 43 -7.36 13.70 0.56
N GLU B 44 -8.21 14.71 0.39
CA GLU B 44 -7.78 16.09 0.56
C GLU B 44 -7.37 16.33 2.00
N ASN B 45 -8.15 15.83 2.96
CA ASN B 45 -7.79 16.00 4.36
C ASN B 45 -6.43 15.37 4.63
N SER B 46 -6.23 14.18 4.07
CA SER B 46 -4.95 13.51 4.27
C SER B 46 -3.86 14.42 3.71
N LEU B 47 -4.06 14.89 2.48
CA LEU B 47 -3.06 15.76 1.89
C LEU B 47 -2.81 17.02 2.73
N ASP B 48 -3.86 17.64 3.22
CA ASP B 48 -3.70 18.84 4.05
C ASP B 48 -2.98 18.51 5.36
N ALA B 49 -2.96 17.22 5.70
CA ALA B 49 -2.31 16.78 6.93
C ALA B 49 -0.82 16.51 6.68
N GLY B 50 -0.37 16.84 5.48
CA GLY B 50 1.03 16.64 5.12
C GLY B 50 1.44 15.18 5.03
N ALA B 51 0.55 14.35 4.50
CA ALA B 51 0.81 12.92 4.36
C ALA B 51 1.68 12.60 3.16
N THR B 52 2.51 11.57 3.27
CA THR B 52 3.35 11.16 2.15
C THR B 52 2.93 9.75 1.70
N ASN B 53 2.08 9.13 2.51
CA ASN B 53 1.54 7.83 2.14
C ASN B 53 0.05 7.79 2.51
N ILE B 54 -0.80 7.70 1.49
CA ILE B 54 -2.25 7.66 1.67
C ILE B 54 -2.79 6.35 1.14
N ASP B 55 -3.59 5.66 1.94
CA ASP B 55 -4.14 4.40 1.49
C ASP B 55 -5.66 4.38 1.61
N LEU B 56 -6.30 3.98 0.52
CA LEU B 56 -7.74 3.92 0.47
C LEU B 56 -8.19 2.46 0.36
N LYS B 57 -8.83 1.93 1.40
CA LYS B 57 -9.32 0.54 1.33
C LYS B 57 -10.83 0.56 1.19
N LEU B 58 -11.31 -0.24 0.25
CA LEU B 58 -12.73 -0.32 -0.03
C LEU B 58 -13.28 -1.74 0.07
N LYS B 59 -14.52 -1.83 0.53
CA LYS B 59 -15.24 -3.09 0.64
C LYS B 59 -16.49 -2.90 -0.19
N ASP B 60 -16.68 -3.80 -1.15
CA ASP B 60 -17.85 -3.73 -2.03
C ASP B 60 -17.95 -2.40 -2.74
N TYR B 61 -16.84 -1.97 -3.31
CA TYR B 61 -16.80 -0.70 -4.02
C TYR B 61 -17.19 0.46 -3.10
N GLY B 62 -16.95 0.32 -1.80
CA GLY B 62 -17.30 1.41 -0.89
C GLY B 62 -18.69 1.39 -0.27
N VAL B 63 -19.56 0.51 -0.77
CA VAL B 63 -20.91 0.43 -0.23
C VAL B 63 -20.86 -0.03 1.23
N ASP B 64 -19.91 -0.91 1.53
CA ASP B 64 -19.74 -1.41 2.88
C ASP B 64 -18.65 -0.65 3.65
N LEU B 65 -17.56 -0.29 2.97
CA LEU B 65 -16.48 0.42 3.63
C LEU B 65 -15.62 1.31 2.76
N ILE B 66 -15.32 2.49 3.31
CA ILE B 66 -14.46 3.45 2.65
C ILE B 66 -13.47 3.80 3.74
N GLU B 67 -12.25 3.30 3.62
CA GLU B 67 -11.27 3.58 4.65
C GLU B 67 -10.03 4.26 4.13
N VAL B 68 -9.82 5.49 4.58
CA VAL B 68 -8.63 6.23 4.18
C VAL B 68 -7.67 6.31 5.34
N SER B 69 -6.45 5.89 5.08
CA SER B 69 -5.43 5.86 6.09
C SER B 69 -4.23 6.66 5.61
N ASP B 70 -3.60 7.43 6.50
CA ASP B 70 -2.45 8.24 6.10
C ASP B 70 -1.41 8.43 7.19
N ASN B 71 -0.23 8.90 6.79
CA ASN B 71 0.84 9.15 7.74
C ASN B 71 1.10 10.65 7.88
N GLY B 72 0.01 11.41 8.03
CA GLY B 72 0.09 12.85 8.17
C GLY B 72 0.39 13.26 9.59
N CYS B 73 0.15 14.53 9.92
CA CYS B 73 0.45 15.05 11.24
C CYS B 73 -0.46 14.47 12.32
N GLY B 74 -1.61 13.95 11.92
CA GLY B 74 -2.52 13.39 12.89
C GLY B 74 -3.29 14.45 13.63
N VAL B 75 -4.20 14.02 14.51
CA VAL B 75 -5.02 14.94 15.28
C VAL B 75 -4.62 14.95 16.75
N GLU B 76 -4.45 16.15 17.28
CA GLU B 76 -4.07 16.36 18.67
C GLU B 76 -5.33 16.30 19.56
N GLU B 77 -5.20 15.71 20.73
CA GLU B 77 -6.34 15.52 21.63
C GLU B 77 -7.25 16.73 21.83
N GLU B 78 -6.69 17.89 22.13
CA GLU B 78 -7.53 19.06 22.36
C GLU B 78 -8.44 19.39 21.17
N ASN B 79 -8.24 18.77 20.02
CA ASN B 79 -9.08 19.05 18.85
C ASN B 79 -10.02 17.90 18.54
N PHE B 80 -10.01 16.88 19.40
CA PHE B 80 -10.85 15.69 19.27
C PHE B 80 -12.34 16.01 19.20
N GLU B 81 -12.80 16.84 20.13
CA GLU B 81 -14.18 17.26 20.19
C GLU B 81 -14.50 18.34 19.18
N GLY B 82 -13.49 18.83 18.49
CA GLY B 82 -13.71 19.90 17.54
C GLY B 82 -13.74 19.46 16.10
N LEU B 83 -13.28 18.25 15.83
CA LEU B 83 -13.25 17.70 14.48
C LEU B 83 -14.52 18.06 13.70
N THR B 84 -15.66 17.98 14.38
CA THR B 84 -16.97 18.30 13.82
C THR B 84 -17.40 19.71 14.28
N LEU B 85 -17.20 20.72 13.42
CA LEU B 85 -17.57 22.12 13.74
C LEU B 85 -17.01 23.15 12.76
N GLU B 109 -18.57 21.64 6.89
CA GLU B 109 -17.38 20.82 6.83
C GLU B 109 -17.74 19.32 6.66
N ALA B 110 -16.86 18.59 5.98
CA ALA B 110 -17.02 17.18 5.63
C ALA B 110 -17.07 16.09 6.68
N LEU B 111 -16.30 16.23 7.76
CA LEU B 111 -16.30 15.19 8.78
C LEU B 111 -17.62 15.00 9.50
N SER B 112 -18.40 16.08 9.63
CA SER B 112 -19.68 15.98 10.31
C SER B 112 -20.70 15.34 9.38
N SER B 113 -20.74 15.82 8.14
CA SER B 113 -21.68 15.27 7.17
C SER B 113 -21.53 13.75 7.14
N LEU B 114 -20.29 13.28 6.98
CA LEU B 114 -20.00 11.86 6.95
C LEU B 114 -20.58 11.14 8.17
N CYS B 115 -20.38 11.72 9.35
CA CYS B 115 -20.93 11.13 10.56
C CYS B 115 -22.45 10.99 10.42
N ALA B 116 -23.07 12.01 9.85
CA ALA B 116 -24.51 12.03 9.67
C ALA B 116 -25.04 10.99 8.67
N LEU B 117 -24.17 10.47 7.81
CA LEU B 117 -24.59 9.52 6.79
C LEU B 117 -24.01 8.12 6.87
N SER B 118 -23.18 7.88 7.89
CA SER B 118 -22.51 6.60 8.03
C SER B 118 -22.05 6.41 9.47
N ASP B 119 -21.34 5.32 9.74
CA ASP B 119 -20.80 5.10 11.05
C ASP B 119 -19.31 5.38 10.87
N VAL B 120 -18.82 6.45 11.48
CA VAL B 120 -17.42 6.85 11.35
C VAL B 120 -16.54 6.50 12.55
N THR B 121 -15.46 5.77 12.28
CA THR B 121 -14.50 5.40 13.31
C THR B 121 -13.22 6.06 12.85
N ILE B 122 -12.49 6.66 13.79
CA ILE B 122 -11.24 7.32 13.44
C ILE B 122 -10.20 6.94 14.46
N SER B 123 -8.98 6.70 13.99
CA SER B 123 -7.89 6.39 14.91
C SER B 123 -6.85 7.42 14.53
N THR B 124 -6.10 7.89 15.51
CA THR B 124 -5.11 8.91 15.21
C THR B 124 -4.06 9.07 16.29
N CYS B 125 -2.89 9.54 15.87
CA CYS B 125 -1.78 9.80 16.77
C CYS B 125 -0.94 10.94 16.23
N HIS B 126 -0.89 12.03 16.99
CA HIS B 126 -0.14 13.24 16.64
C HIS B 126 1.36 12.99 16.91
N ALA B 127 2.24 13.84 16.39
CA ALA B 127 3.68 13.64 16.60
C ALA B 127 4.08 13.79 18.06
N SER B 128 3.34 14.65 18.76
CA SER B 128 3.57 14.93 20.18
C SER B 128 2.84 13.97 21.10
N ALA B 129 2.25 12.93 20.54
CA ALA B 129 1.52 11.97 21.35
C ALA B 129 2.32 10.70 21.63
N LYS B 130 2.11 10.12 22.80
CA LYS B 130 2.82 8.90 23.14
C LYS B 130 1.93 7.69 22.86
N VAL B 131 0.62 7.91 22.68
CA VAL B 131 -0.26 6.80 22.34
C VAL B 131 -1.42 7.35 21.54
N GLY B 132 -1.69 6.72 20.42
CA GLY B 132 -2.76 7.17 19.57
C GLY B 132 -4.10 7.01 20.28
N THR B 133 -5.18 7.43 19.63
CA THR B 133 -6.51 7.32 20.21
C THR B 133 -7.46 6.79 19.15
N ARG B 134 -8.46 6.02 19.57
CA ARG B 134 -9.48 5.49 18.67
C ARG B 134 -10.83 6.10 19.06
N LEU B 135 -11.48 6.72 18.08
CA LEU B 135 -12.75 7.39 18.31
C LEU B 135 -13.92 6.88 17.47
N MET B 136 -15.05 6.65 18.15
CA MET B 136 -16.27 6.21 17.50
C MET B 136 -17.23 7.40 17.63
N PHE B 137 -17.88 7.78 16.53
CA PHE B 137 -18.80 8.92 16.57
C PHE B 137 -20.23 8.52 16.25
N ASP B 138 -21.19 9.21 16.86
CA ASP B 138 -22.58 8.93 16.56
C ASP B 138 -22.91 9.80 15.36
N HIS B 139 -24.13 9.68 14.84
CA HIS B 139 -24.55 10.44 13.67
C HIS B 139 -24.58 11.96 13.83
N ASN B 140 -24.50 12.43 15.08
CA ASN B 140 -24.49 13.86 15.37
C ASN B 140 -23.04 14.34 15.47
N GLY B 141 -22.09 13.44 15.21
CA GLY B 141 -20.69 13.80 15.29
C GLY B 141 -20.13 13.85 16.71
N LYS B 142 -20.86 13.32 17.67
CA LYS B 142 -20.39 13.34 19.05
C LYS B 142 -19.62 12.06 19.34
N ILE B 143 -18.55 12.18 20.11
CA ILE B 143 -17.71 11.04 20.44
C ILE B 143 -18.42 10.08 21.39
N ILE B 144 -18.72 8.90 20.88
CA ILE B 144 -19.37 7.85 21.66
C ILE B 144 -18.36 7.26 22.63
N GLN B 145 -17.27 6.79 22.04
CA GLN B 145 -16.23 6.10 22.76
C GLN B 145 -14.86 6.69 22.40
N LYS B 146 -13.95 6.70 23.38
CA LYS B 146 -12.60 7.20 23.18
C LYS B 146 -11.64 6.32 23.98
N THR B 147 -10.72 5.64 23.29
CA THR B 147 -9.77 4.78 23.98
C THR B 147 -8.38 4.86 23.38
N PRO B 148 -7.36 4.53 24.18
CA PRO B 148 -5.99 4.58 23.64
C PRO B 148 -5.90 3.53 22.54
N TYR B 149 -5.03 3.76 21.57
CA TYR B 149 -4.87 2.84 20.47
C TYR B 149 -3.43 2.92 19.93
N PRO B 150 -2.72 1.78 19.90
CA PRO B 150 -1.35 1.73 19.41
C PRO B 150 -1.29 1.89 17.91
N ARG B 151 -0.79 3.04 17.46
CA ARG B 151 -0.66 3.27 16.03
C ARG B 151 0.40 4.34 15.73
N PRO B 152 1.06 4.25 14.56
CA PRO B 152 2.07 5.25 14.21
C PRO B 152 1.48 6.64 14.04
N ARG B 153 2.31 7.60 13.69
CA ARG B 153 1.81 8.95 13.50
C ARG B 153 0.89 8.94 12.29
N GLY B 154 -0.19 9.70 12.36
CA GLY B 154 -1.10 9.75 11.23
C GLY B 154 -2.57 9.64 11.61
N THR B 155 -3.40 9.32 10.64
CA THR B 155 -4.82 9.21 10.90
C THR B 155 -5.50 8.18 10.01
N THR B 156 -6.49 7.51 10.57
CA THR B 156 -7.25 6.55 9.77
C THR B 156 -8.74 6.82 9.98
N VAL B 157 -9.42 7.11 8.88
CA VAL B 157 -10.86 7.37 8.91
C VAL B 157 -11.61 6.21 8.28
N SER B 158 -12.61 5.68 8.98
CA SER B 158 -13.39 4.59 8.43
C SER B 158 -14.83 5.00 8.26
N VAL B 159 -15.29 5.02 7.01
CA VAL B 159 -16.66 5.38 6.72
C VAL B 159 -17.41 4.08 6.47
N GLN B 160 -18.21 3.68 7.43
CA GLN B 160 -18.93 2.42 7.27
C GLN B 160 -20.36 2.58 6.83
N GLN B 161 -20.66 1.91 5.71
CA GLN B 161 -21.99 1.89 5.13
C GLN B 161 -22.52 3.27 4.78
N LEU B 162 -21.88 3.90 3.81
CA LEU B 162 -22.25 5.23 3.37
C LEU B 162 -23.71 5.33 2.93
N PHE B 163 -24.40 6.34 3.46
CA PHE B 163 -25.81 6.63 3.15
C PHE B 163 -26.83 5.70 3.77
N SER B 164 -26.44 5.04 4.85
CA SER B 164 -27.35 4.09 5.50
C SER B 164 -28.46 4.83 6.24
N THR B 165 -28.12 5.99 6.76
CA THR B 165 -29.06 6.81 7.51
C THR B 165 -30.13 7.43 6.60
N LEU B 166 -29.92 7.33 5.29
CA LEU B 166 -30.86 7.81 4.26
C LEU B 166 -31.12 6.61 3.36
N PRO B 167 -32.08 5.75 3.74
CA PRO B 167 -32.38 4.57 2.93
C PRO B 167 -32.45 4.81 1.41
N VAL B 168 -33.03 5.93 1.00
CA VAL B 168 -33.17 6.24 -0.43
C VAL B 168 -31.83 6.39 -1.15
N ARG B 169 -30.94 7.21 -0.59
CA ARG B 169 -29.63 7.45 -1.18
C ARG B 169 -28.81 6.17 -1.16
N HIS B 170 -29.03 5.37 -0.12
CA HIS B 170 -28.29 4.11 0.06
C HIS B 170 -28.59 3.14 -1.08
N LYS B 171 -29.89 2.93 -1.31
CA LYS B 171 -30.35 2.01 -2.34
C LYS B 171 -29.93 2.51 -3.71
N GLU B 172 -29.87 3.83 -3.86
CA GLU B 172 -29.47 4.41 -5.13
C GLU B 172 -28.00 4.10 -5.32
N PHE B 173 -27.22 4.33 -4.27
CA PHE B 173 -25.80 4.06 -4.27
C PHE B 173 -25.56 2.63 -4.74
N GLN B 174 -26.28 1.68 -4.15
CA GLN B 174 -26.14 0.28 -4.56
C GLN B 174 -26.55 0.08 -6.00
N ARG B 175 -27.67 0.68 -6.40
CA ARG B 175 -28.16 0.52 -7.77
C ARG B 175 -27.18 1.06 -8.81
N ASN B 176 -26.64 2.24 -8.58
CA ASN B 176 -25.74 2.83 -9.55
C ASN B 176 -24.26 2.63 -9.18
N ILE B 177 -23.95 1.61 -8.39
CA ILE B 177 -22.58 1.38 -7.97
C ILE B 177 -21.55 1.35 -9.10
N LYS B 178 -21.91 0.76 -10.23
CA LYS B 178 -20.98 0.67 -11.36
C LYS B 178 -20.41 2.02 -11.75
N LYS B 179 -21.31 2.95 -12.07
CA LYS B 179 -20.93 4.28 -12.51
C LYS B 179 -20.51 5.22 -11.38
N GLU B 180 -20.93 4.95 -10.15
CA GLU B 180 -20.57 5.76 -8.99
C GLU B 180 -19.12 5.46 -8.66
N TYR B 181 -18.76 4.20 -8.82
CA TYR B 181 -17.42 3.73 -8.54
C TYR B 181 -16.45 4.26 -9.59
N ALA B 182 -16.85 4.20 -10.84
CA ALA B 182 -16.00 4.68 -11.92
C ALA B 182 -15.76 6.15 -11.72
N LYS B 183 -16.76 6.82 -11.14
CA LYS B 183 -16.65 8.25 -10.90
C LYS B 183 -15.64 8.51 -9.78
N MET B 184 -15.45 7.51 -8.93
CA MET B 184 -14.49 7.68 -7.85
C MET B 184 -13.13 7.40 -8.44
N VAL B 185 -13.05 6.33 -9.24
CA VAL B 185 -11.78 5.96 -9.85
C VAL B 185 -11.20 7.12 -10.63
N GLN B 186 -12.06 7.91 -11.28
CA GLN B 186 -11.55 9.05 -12.03
C GLN B 186 -10.98 10.08 -11.07
N VAL B 187 -11.62 10.26 -9.93
CA VAL B 187 -11.10 11.20 -8.94
C VAL B 187 -9.77 10.63 -8.39
N LEU B 188 -9.81 9.37 -7.98
CA LEU B 188 -8.63 8.71 -7.44
C LEU B 188 -7.45 8.75 -8.40
N HIS B 189 -7.69 8.40 -9.65
CA HIS B 189 -6.62 8.41 -10.64
C HIS B 189 -6.05 9.82 -10.77
N ALA B 190 -6.92 10.82 -10.66
CA ALA B 190 -6.48 12.21 -10.78
C ALA B 190 -5.43 12.56 -9.72
N TYR B 191 -5.71 12.28 -8.47
CA TYR B 191 -4.76 12.57 -7.41
C TYR B 191 -3.52 11.71 -7.52
N CYS B 192 -3.66 10.45 -7.94
CA CYS B 192 -2.49 9.56 -8.05
C CYS B 192 -1.53 10.18 -9.05
N ILE B 193 -2.08 10.78 -10.11
CA ILE B 193 -1.26 11.40 -11.15
C ILE B 193 -0.52 12.69 -10.69
N ILE B 194 -1.27 13.60 -10.08
CA ILE B 194 -0.72 14.90 -9.65
C ILE B 194 0.00 14.92 -8.30
N SER B 195 -0.19 13.89 -7.49
CA SER B 195 0.43 13.85 -6.17
C SER B 195 1.85 13.31 -6.13
N ALA B 196 2.69 13.81 -7.03
CA ALA B 196 4.08 13.37 -7.07
C ALA B 196 4.76 13.46 -5.68
N GLY B 197 5.61 12.48 -5.38
CA GLY B 197 6.29 12.47 -4.09
C GLY B 197 5.41 11.92 -2.99
N ILE B 198 4.22 11.48 -3.39
CA ILE B 198 3.25 10.93 -2.46
C ILE B 198 2.73 9.60 -2.94
N ARG B 199 2.90 8.59 -2.11
CA ARG B 199 2.47 7.24 -2.40
C ARG B 199 0.96 7.19 -2.15
N VAL B 200 0.18 6.92 -3.19
CA VAL B 200 -1.27 6.83 -3.04
C VAL B 200 -1.72 5.44 -3.49
N SER B 201 -2.44 4.72 -2.63
CA SER B 201 -2.90 3.38 -3.01
C SER B 201 -4.33 3.04 -2.64
N CYS B 202 -4.88 2.10 -3.41
CA CYS B 202 -6.26 1.65 -3.24
C CYS B 202 -6.53 0.18 -3.63
N THR B 203 -7.23 -0.54 -2.76
CA THR B 203 -7.60 -1.93 -3.00
C THR B 203 -9.09 -2.05 -2.72
N ASN B 204 -9.71 -3.06 -3.30
CA ASN B 204 -11.15 -3.26 -3.14
C ASN B 204 -11.48 -4.75 -2.93
N GLN B 205 -12.26 -5.03 -1.90
CA GLN B 205 -12.63 -6.40 -1.56
C GLN B 205 -14.13 -6.65 -1.70
N LEU B 206 -14.49 -7.61 -2.56
CA LEU B 206 -15.90 -7.94 -2.84
C LEU B 206 -16.52 -9.07 -2.01
N GLY B 207 -17.54 -8.73 -1.21
CA GLY B 207 -18.21 -9.73 -0.39
C GLY B 207 -17.26 -10.51 0.50
N GLN B 208 -17.32 -11.84 0.42
CA GLN B 208 -16.41 -12.67 1.21
C GLN B 208 -15.23 -12.95 0.28
N GLY B 209 -15.11 -12.13 -0.75
CA GLY B 209 -14.06 -12.28 -1.74
C GLY B 209 -12.61 -12.05 -1.34
N LYS B 210 -11.78 -11.92 -2.37
CA LYS B 210 -10.33 -11.71 -2.22
C LYS B 210 -9.97 -10.30 -2.65
N ARG B 211 -9.02 -9.68 -1.96
CA ARG B 211 -8.62 -8.31 -2.27
C ARG B 211 -8.00 -8.24 -3.66
N GLN B 212 -8.74 -7.66 -4.63
CA GLN B 212 -8.24 -7.53 -6.03
C GLN B 212 -8.06 -5.99 -6.28
N PRO B 213 -6.89 -5.58 -6.82
CA PRO B 213 -6.42 -4.23 -7.16
C PRO B 213 -7.14 -3.18 -7.95
N VAL B 214 -6.75 -1.96 -7.61
CA VAL B 214 -7.24 -0.69 -8.15
C VAL B 214 -6.10 0.28 -8.55
N VAL B 215 -5.17 0.56 -7.63
CA VAL B 215 -4.09 1.50 -7.93
C VAL B 215 -3.02 1.56 -6.84
N CYS B 216 -1.78 1.88 -7.22
CA CYS B 216 -0.67 2.00 -6.26
C CYS B 216 0.49 2.76 -6.90
N THR B 217 0.74 3.98 -6.45
CA THR B 217 1.84 4.77 -7.01
C THR B 217 3.06 4.57 -6.15
N GLY B 218 4.22 4.96 -6.66
CA GLY B 218 5.43 4.77 -5.91
C GLY B 218 6.03 5.95 -5.17
N GLY B 219 5.31 7.06 -5.11
CA GLY B 219 5.84 8.23 -4.43
C GLY B 219 7.01 8.81 -5.21
N SER B 220 6.90 8.74 -6.53
CA SER B 220 7.92 9.25 -7.41
C SER B 220 7.70 10.75 -7.59
N PRO B 221 8.79 11.52 -7.79
CA PRO B 221 8.66 12.96 -7.98
C PRO B 221 8.28 13.36 -9.40
N SER B 222 7.92 12.40 -10.24
CA SER B 222 7.53 12.73 -11.61
C SER B 222 6.11 12.29 -11.96
N ILE B 223 5.42 13.15 -12.71
CA ILE B 223 4.07 12.85 -13.12
C ILE B 223 4.16 11.69 -14.12
N LYS B 224 5.09 11.80 -15.06
CA LYS B 224 5.26 10.76 -16.08
C LYS B 224 5.30 9.39 -15.42
N GLU B 225 5.97 9.32 -14.29
CA GLU B 225 6.05 8.05 -13.60
C GLU B 225 4.74 7.64 -12.93
N ASN B 226 4.08 8.57 -12.23
CA ASN B 226 2.82 8.20 -11.60
C ASN B 226 1.81 7.77 -12.68
N ILE B 227 1.99 8.28 -13.90
CA ILE B 227 1.11 7.89 -15.00
C ILE B 227 1.42 6.45 -15.40
N GLY B 228 2.69 6.08 -15.30
CA GLY B 228 3.07 4.71 -15.60
C GLY B 228 2.48 3.83 -14.51
N SER B 229 2.70 4.22 -13.25
CA SER B 229 2.18 3.48 -12.11
C SER B 229 0.68 3.14 -12.25
N VAL B 230 -0.09 4.09 -12.75
CA VAL B 230 -1.52 3.92 -12.90
C VAL B 230 -2.00 3.21 -14.17
N PHE B 231 -1.35 3.48 -15.29
CA PHE B 231 -1.77 2.85 -16.55
C PHE B 231 -0.72 1.94 -17.20
N GLY B 232 0.39 1.70 -16.50
CA GLY B 232 1.42 0.83 -17.02
C GLY B 232 2.25 1.54 -18.08
N GLN B 233 3.52 1.15 -18.20
CA GLN B 233 4.40 1.79 -19.18
C GLN B 233 3.90 1.66 -20.62
N LYS B 234 2.87 0.85 -20.82
CA LYS B 234 2.29 0.67 -22.15
C LYS B 234 1.57 1.94 -22.59
N GLN B 235 1.06 2.70 -21.62
CA GLN B 235 0.33 3.94 -21.90
C GLN B 235 1.33 5.07 -22.11
N LEU B 236 2.34 5.15 -21.26
CA LEU B 236 3.35 6.20 -21.36
C LEU B 236 3.98 6.20 -22.75
N GLN B 237 4.14 5.01 -23.30
CA GLN B 237 4.76 4.88 -24.60
C GLN B 237 4.08 5.61 -25.73
N SER B 238 2.79 5.88 -25.60
CA SER B 238 2.09 6.58 -26.67
C SER B 238 1.79 8.03 -26.30
N LEU B 239 2.59 8.61 -25.40
CA LEU B 239 2.39 9.99 -24.98
C LEU B 239 3.60 10.87 -25.28
N ILE B 240 3.35 12.17 -25.39
CA ILE B 240 4.42 13.14 -25.62
C ILE B 240 4.21 14.27 -24.64
N PRO B 241 5.31 14.83 -24.11
CA PRO B 241 5.15 15.93 -23.16
C PRO B 241 4.60 17.19 -23.86
N PHE B 242 3.81 17.94 -23.10
CA PHE B 242 3.24 19.18 -23.59
C PHE B 242 4.41 20.15 -23.71
N VAL B 243 4.46 20.92 -24.79
CA VAL B 243 5.55 21.87 -25.01
C VAL B 243 4.92 23.23 -25.25
N GLN B 244 4.97 24.09 -24.23
CA GLN B 244 4.38 25.42 -24.33
C GLN B 244 5.12 26.29 -25.36
N LEU B 245 4.34 27.05 -26.13
CA LEU B 245 4.86 27.98 -27.14
C LEU B 245 4.20 29.32 -26.91
N PRO B 246 4.78 30.41 -27.44
CA PRO B 246 4.11 31.70 -27.20
C PRO B 246 2.91 31.68 -28.12
N PRO B 247 1.80 32.34 -27.73
CA PRO B 247 0.66 32.30 -28.65
C PRO B 247 1.09 32.89 -30.00
N SER B 248 0.62 32.29 -31.09
CA SER B 248 0.97 32.77 -32.44
C SER B 248 0.05 33.91 -32.91
N ASP B 249 0.51 34.64 -33.92
CA ASP B 249 -0.26 35.77 -34.46
C ASP B 249 -1.62 35.36 -35.00
N SER B 250 -1.63 34.28 -35.78
CA SER B 250 -2.86 33.78 -36.37
C SER B 250 -3.92 33.31 -35.36
N VAL B 251 -3.46 32.71 -34.26
CA VAL B 251 -4.40 32.25 -33.24
C VAL B 251 -4.79 33.40 -32.31
N CYS B 252 -3.85 34.32 -32.05
CA CYS B 252 -4.18 35.47 -31.21
C CYS B 252 -5.29 36.20 -31.93
N GLU B 253 -5.18 36.23 -33.26
CA GLU B 253 -6.18 36.88 -34.09
C GLU B 253 -7.47 36.10 -33.95
N GLU B 254 -7.37 34.78 -34.05
CA GLU B 254 -8.51 33.89 -33.94
C GLU B 254 -9.36 34.19 -32.69
N TYR B 255 -8.69 34.52 -31.60
CA TYR B 255 -9.36 34.82 -30.33
C TYR B 255 -9.53 36.32 -30.10
N GLY B 256 -9.05 37.11 -31.05
CA GLY B 256 -9.16 38.55 -30.93
C GLY B 256 -8.20 39.08 -29.87
N LEU B 257 -6.99 38.54 -29.88
CA LEU B 257 -5.96 38.95 -28.93
C LEU B 257 -4.90 39.78 -29.61
N SER B 258 -4.37 40.76 -28.89
CA SER B 258 -3.32 41.62 -29.43
C SER B 258 -2.09 41.48 -28.57
N CYS B 259 -1.01 42.08 -29.05
CA CYS B 259 0.26 42.07 -28.33
C CYS B 259 0.03 42.43 -26.86
N SER B 260 -0.73 43.51 -26.67
CA SER B 260 -1.05 44.01 -25.33
C SER B 260 -1.69 42.97 -24.45
N ASP B 261 -2.35 41.99 -25.06
CA ASP B 261 -3.04 40.98 -24.28
C ASP B 261 -2.21 39.74 -23.95
N ALA B 262 -1.03 39.63 -24.55
CA ALA B 262 -0.19 38.46 -24.31
C ALA B 262 1.21 38.75 -23.77
N LEU B 263 1.49 40.00 -23.43
CA LEU B 263 2.82 40.34 -22.93
C LEU B 263 2.97 39.96 -21.45
N HIS B 264 1.84 39.80 -20.78
CA HIS B 264 1.82 39.43 -19.37
C HIS B 264 1.35 37.99 -19.21
N ASN B 265 1.76 37.14 -20.13
CA ASN B 265 1.40 35.72 -20.07
C ASN B 265 1.96 35.13 -18.79
N LEU B 266 1.04 34.65 -17.95
CA LEU B 266 1.40 34.02 -16.69
C LEU B 266 0.87 32.60 -16.60
N PHE B 267 0.46 32.06 -17.74
CA PHE B 267 -0.05 30.70 -17.79
C PHE B 267 1.12 29.73 -18.13
N TYR B 268 1.41 28.82 -17.20
CA TYR B 268 2.44 27.82 -17.37
C TYR B 268 1.77 26.46 -17.48
N ILE B 269 1.85 25.85 -18.65
CA ILE B 269 1.20 24.56 -18.86
C ILE B 269 2.19 23.41 -18.94
N SER B 270 1.79 22.28 -18.38
CA SER B 270 2.64 21.10 -18.39
C SER B 270 1.79 19.83 -18.33
N GLY B 271 2.35 18.73 -18.81
CA GLY B 271 1.61 17.48 -18.78
C GLY B 271 1.94 16.61 -19.97
N PHE B 272 1.04 15.68 -20.30
CA PHE B 272 1.27 14.80 -21.43
C PHE B 272 0.01 14.64 -22.27
N ILE B 273 0.20 14.16 -23.49
CA ILE B 273 -0.91 13.93 -24.39
C ILE B 273 -0.53 12.89 -25.43
N SER B 274 -1.54 12.15 -25.88
CA SER B 274 -1.36 11.11 -26.87
C SER B 274 -0.85 11.69 -28.16
N GLN B 275 0.02 10.94 -28.84
CA GLN B 275 0.53 11.35 -30.14
C GLN B 275 -0.66 11.29 -31.07
N CYS B 276 -0.66 12.09 -32.13
CA CYS B 276 -1.77 12.08 -33.08
C CYS B 276 -1.58 10.96 -34.11
N THR B 277 -0.52 10.17 -33.93
CA THR B 277 -0.23 9.06 -34.82
C THR B 277 -1.50 8.19 -34.89
N HIS B 278 -1.94 7.93 -36.11
CA HIS B 278 -3.15 7.13 -36.36
C HIS B 278 -3.23 5.80 -35.60
N GLY B 279 -4.29 5.66 -34.81
CA GLY B 279 -4.50 4.44 -34.04
C GLY B 279 -3.99 4.45 -32.61
N VAL B 280 -3.17 5.44 -32.28
CA VAL B 280 -2.58 5.55 -30.94
C VAL B 280 -3.51 6.08 -29.84
N GLY B 281 -4.57 6.78 -30.24
CA GLY B 281 -5.49 7.35 -29.26
C GLY B 281 -6.41 6.39 -28.53
N ARG B 282 -7.40 6.96 -27.83
CA ARG B 282 -8.39 6.21 -27.08
C ARG B 282 -9.68 6.27 -27.88
N SER B 283 -10.70 5.55 -27.43
CA SER B 283 -11.98 5.54 -28.13
C SER B 283 -12.97 6.42 -27.37
N SER B 284 -12.58 6.81 -26.16
CA SER B 284 -13.42 7.65 -25.30
C SER B 284 -12.60 8.66 -24.51
N THR B 285 -13.27 9.60 -23.85
CA THR B 285 -12.60 10.59 -23.03
C THR B 285 -12.49 10.06 -21.60
N ASP B 286 -12.36 8.73 -21.48
CA ASP B 286 -12.26 8.10 -20.18
C ASP B 286 -10.91 8.36 -19.53
N ARG B 287 -9.90 8.78 -20.28
CA ARG B 287 -8.60 9.07 -19.61
C ARG B 287 -8.15 10.47 -19.93
N GLN B 288 -8.84 11.45 -19.38
CA GLN B 288 -8.48 12.86 -19.57
C GLN B 288 -8.51 13.61 -18.23
N PHE B 289 -7.33 14.04 -17.77
CA PHE B 289 -7.21 14.72 -16.48
C PHE B 289 -6.70 16.16 -16.56
N PHE B 290 -7.50 17.09 -16.07
CA PHE B 290 -7.15 18.50 -16.07
C PHE B 290 -7.00 19.03 -14.66
N PHE B 291 -5.98 19.86 -14.46
CA PHE B 291 -5.73 20.48 -13.16
C PHE B 291 -5.44 21.96 -13.30
N ILE B 292 -5.87 22.73 -12.30
CA ILE B 292 -5.58 24.14 -12.27
C ILE B 292 -4.86 24.27 -10.93
N ASN B 293 -3.56 24.53 -11.01
CA ASN B 293 -2.74 24.66 -9.81
C ASN B 293 -2.77 23.38 -8.98
N ARG B 294 -2.57 22.25 -9.66
CA ARG B 294 -2.54 20.93 -9.03
C ARG B 294 -3.87 20.57 -8.38
N ARG B 295 -4.96 21.13 -8.88
CA ARG B 295 -6.26 20.79 -8.32
C ARG B 295 -7.09 20.25 -9.46
N PRO B 296 -7.63 19.04 -9.30
CA PRO B 296 -8.46 18.42 -10.35
C PRO B 296 -9.75 19.21 -10.60
N CYS B 297 -10.06 19.42 -11.87
CA CYS B 297 -11.25 20.14 -12.22
C CYS B 297 -11.61 19.87 -13.66
N ASP B 298 -12.79 20.32 -14.08
CA ASP B 298 -13.21 20.12 -15.45
C ASP B 298 -13.48 21.40 -16.22
N PRO B 299 -12.43 22.03 -16.75
CA PRO B 299 -12.67 23.27 -17.50
C PRO B 299 -13.29 22.91 -18.85
N ALA B 300 -14.59 23.18 -18.97
CA ALA B 300 -15.33 22.87 -20.19
C ALA B 300 -14.68 23.37 -21.48
N LYS B 301 -14.37 24.65 -21.52
CA LYS B 301 -13.77 25.23 -22.71
C LYS B 301 -12.38 24.70 -23.02
N VAL B 302 -11.55 24.57 -21.99
CA VAL B 302 -10.19 24.05 -22.16
C VAL B 302 -10.23 22.59 -22.63
N CYS B 303 -11.22 21.85 -22.15
CA CYS B 303 -11.36 20.44 -22.51
C CYS B 303 -11.81 20.28 -23.97
N ARG B 304 -12.85 21.03 -24.32
CA ARG B 304 -13.41 21.02 -25.67
C ARG B 304 -12.29 21.29 -26.66
N LEU B 305 -11.47 22.28 -26.34
CA LEU B 305 -10.35 22.67 -27.19
C LEU B 305 -9.28 21.58 -27.32
N VAL B 306 -8.82 21.05 -26.18
CA VAL B 306 -7.81 20.02 -26.20
C VAL B 306 -8.21 18.94 -27.20
N ASN B 307 -9.48 18.57 -27.17
CA ASN B 307 -10.00 17.56 -28.09
C ASN B 307 -10.06 18.08 -29.52
N GLU B 308 -10.81 19.16 -29.70
CA GLU B 308 -10.99 19.80 -30.99
C GLU B 308 -9.68 19.84 -31.77
N VAL B 309 -8.59 20.24 -31.13
CA VAL B 309 -7.31 20.32 -31.81
C VAL B 309 -6.73 18.95 -32.14
N TYR B 310 -7.00 17.96 -31.28
CA TYR B 310 -6.49 16.62 -31.52
C TYR B 310 -7.22 16.05 -32.72
N HIS B 311 -8.52 16.33 -32.82
CA HIS B 311 -9.31 15.85 -33.94
C HIS B 311 -8.90 16.44 -35.29
N MET B 312 -8.22 17.59 -35.26
CA MET B 312 -7.76 18.19 -36.50
C MET B 312 -6.71 17.24 -37.08
N TYR B 313 -6.12 16.43 -36.21
CA TYR B 313 -5.07 15.48 -36.60
C TYR B 313 -5.50 14.02 -36.53
N ASN B 314 -6.32 13.69 -35.53
CA ASN B 314 -6.83 12.33 -35.38
C ASN B 314 -8.35 12.47 -35.35
N ARG B 315 -8.92 12.18 -36.49
CA ARG B 315 -10.35 12.27 -36.78
C ARG B 315 -11.29 11.43 -35.92
N HIS B 316 -10.85 10.19 -35.67
CA HIS B 316 -11.65 9.21 -34.96
C HIS B 316 -11.21 8.77 -33.56
N GLN B 317 -10.34 9.54 -32.90
CA GLN B 317 -9.88 9.14 -31.58
C GLN B 317 -9.69 10.30 -30.60
N TYR B 318 -10.04 10.05 -29.33
CA TYR B 318 -9.86 11.04 -28.28
C TYR B 318 -8.49 10.77 -27.66
N PRO B 319 -7.83 11.82 -27.14
CA PRO B 319 -6.51 11.59 -26.56
C PRO B 319 -6.47 11.39 -25.06
N PHE B 320 -5.36 10.81 -24.60
CA PHE B 320 -5.12 10.62 -23.18
C PHE B 320 -4.64 12.01 -22.80
N VAL B 321 -5.15 12.56 -21.71
CA VAL B 321 -4.73 13.89 -21.34
C VAL B 321 -4.42 14.11 -19.86
N VAL B 322 -3.27 14.74 -19.61
CA VAL B 322 -2.87 15.11 -18.26
C VAL B 322 -2.30 16.50 -18.46
N LEU B 323 -3.11 17.47 -18.09
CA LEU B 323 -2.72 18.85 -18.22
C LEU B 323 -2.92 19.66 -16.96
N ASN B 324 -1.86 20.35 -16.57
CA ASN B 324 -1.92 21.20 -15.41
C ASN B 324 -1.63 22.63 -15.84
N ILE B 325 -2.55 23.52 -15.48
CA ILE B 325 -2.44 24.93 -15.81
C ILE B 325 -2.10 25.67 -14.54
N SER B 326 -0.88 26.22 -14.50
CA SER B 326 -0.42 26.96 -13.33
C SER B 326 -0.64 28.46 -13.53
N VAL B 327 -1.25 29.13 -12.55
CA VAL B 327 -1.55 30.56 -12.65
C VAL B 327 -1.61 31.27 -11.30
N ASP B 328 -1.71 32.59 -11.32
CA ASP B 328 -1.82 33.37 -10.07
C ASP B 328 -3.20 33.12 -9.45
N SER B 329 -3.27 33.18 -8.12
CA SER B 329 -4.52 32.95 -7.38
C SER B 329 -5.60 34.01 -7.50
N GLU B 330 -5.30 35.12 -8.17
CA GLU B 330 -6.30 36.18 -8.34
C GLU B 330 -7.05 36.10 -9.65
N CYS B 331 -6.70 35.11 -10.47
CA CYS B 331 -7.32 34.90 -11.77
C CYS B 331 -8.21 33.69 -11.63
N VAL B 332 -8.95 33.63 -10.55
CA VAL B 332 -9.75 32.44 -10.34
C VAL B 332 -11.06 32.60 -9.61
N ASP B 333 -11.39 31.44 -9.10
CA ASP B 333 -12.51 31.13 -8.28
C ASP B 333 -13.69 30.46 -9.02
N LEU B 344 -14.18 30.18 -11.63
CA LEU B 344 -13.35 29.89 -12.80
C LEU B 344 -12.17 30.82 -13.06
N LEU B 345 -11.77 30.81 -14.33
CA LEU B 345 -10.65 31.55 -14.92
C LEU B 345 -10.84 32.98 -15.45
N GLN B 346 -9.76 33.74 -15.37
CA GLN B 346 -9.70 35.11 -15.89
C GLN B 346 -8.78 35.03 -17.10
N GLU B 347 -8.90 35.97 -18.03
CA GLU B 347 -8.03 35.98 -19.20
C GLU B 347 -8.03 34.65 -19.96
N GLU B 348 -9.08 33.85 -19.80
CA GLU B 348 -9.16 32.54 -20.44
C GLU B 348 -8.82 32.50 -21.95
N LYS B 349 -9.20 33.54 -22.67
CA LYS B 349 -8.91 33.59 -24.10
C LYS B 349 -7.41 33.46 -24.37
N LEU B 350 -6.60 34.08 -23.53
CA LEU B 350 -5.16 34.03 -23.67
C LEU B 350 -4.70 32.59 -23.50
N LEU B 351 -5.24 31.92 -22.47
CA LEU B 351 -4.88 30.54 -22.18
C LEU B 351 -5.20 29.60 -23.33
N LEU B 352 -6.34 29.80 -23.97
CA LEU B 352 -6.74 28.95 -25.09
C LEU B 352 -5.83 29.14 -26.29
N ALA B 353 -5.42 30.38 -26.52
CA ALA B 353 -4.54 30.69 -27.64
C ALA B 353 -3.25 29.90 -27.42
N VAL B 354 -2.64 30.12 -26.27
CA VAL B 354 -1.42 29.43 -25.89
C VAL B 354 -1.60 27.91 -26.04
N LEU B 355 -2.69 27.40 -25.47
CA LEU B 355 -2.98 25.99 -25.51
C LEU B 355 -3.07 25.43 -26.94
N LYS B 356 -3.77 26.16 -27.81
CA LYS B 356 -3.96 25.72 -29.19
C LYS B 356 -2.70 25.85 -30.05
N THR B 357 -1.96 26.94 -29.86
CA THR B 357 -0.75 27.17 -30.63
C THR B 357 0.26 26.09 -30.25
N SER B 358 0.30 25.80 -28.95
CA SER B 358 1.22 24.81 -28.39
C SER B 358 1.01 23.40 -28.95
N LEU B 359 -0.24 22.95 -28.92
CA LEU B 359 -0.66 21.63 -29.40
C LEU B 359 -0.39 21.43 -30.90
N ILE B 360 -0.59 22.49 -31.67
CA ILE B 360 -0.37 22.46 -33.12
C ILE B 360 1.09 22.18 -33.43
N GLY B 361 1.98 22.99 -32.85
CA GLY B 361 3.40 22.79 -33.09
C GLY B 361 3.82 21.49 -32.47
N MET B 362 2.90 20.89 -31.72
CA MET B 362 3.18 19.63 -31.08
C MET B 362 2.79 18.49 -32.00
N PHE B 363 1.78 18.72 -32.81
CA PHE B 363 1.32 17.68 -33.73
C PHE B 363 1.89 17.75 -35.16
N ASP B 364 2.33 18.93 -35.59
CA ASP B 364 2.94 19.08 -36.90
C ASP B 364 4.38 18.52 -36.87
#